data_5FE3
#
_entry.id   5FE3
#
_cell.length_a   99.721
_cell.length_b   99.721
_cell.length_c   100.742
_cell.angle_alpha   90.00
_cell.angle_beta   90.00
_cell.angle_gamma   120.00
#
_symmetry.space_group_name_H-M   'H 3'
#
loop_
_entity.id
_entity.type
_entity.pdbx_description
1 polymer 'Histone acetyltransferase KAT2B'
2 non-polymer 1,2-ETHANEDIOL
3 non-polymer 4-methoxy-1,2-benzoxazol-3-amine
4 water water
#
_entity_poly.entity_id   1
_entity_poly.type   'polypeptide(L)'
_entity_poly.pdbx_seq_one_letter_code
;SMGKEKSKEPRDPDQLYSTLKSILQQVKSHQSAWPFMEPVKRTEAPGYYEVIRFPMDLKTMSERLKNRYYVSKKLFMADL
QRVFTNCKEYNPPESEYYKCANILEKFFFSKIKEAGLID
;
_entity_poly.pdbx_strand_id   A,B
#
loop_
_chem_comp.id
_chem_comp.type
_chem_comp.name
_chem_comp.formula
5WX non-polymer 4-methoxy-1,2-benzoxazol-3-amine 'C8 H8 N2 O2'
EDO non-polymer 1,2-ETHANEDIOL 'C2 H6 O2'
#
# COMPACT_ATOMS: atom_id res chain seq x y z
N ARG A 11 -9.73 -4.09 -30.23
CA ARG A 11 -8.51 -3.29 -29.87
C ARG A 11 -8.24 -3.44 -28.34
N ASP A 12 -8.25 -4.69 -27.87
CA ASP A 12 -8.17 -5.01 -26.41
C ASP A 12 -6.88 -4.48 -25.72
N PRO A 13 -5.69 -4.64 -26.38
CA PRO A 13 -4.44 -3.94 -25.96
C PRO A 13 -4.54 -2.39 -25.93
N ASP A 14 -5.14 -1.79 -26.96
CA ASP A 14 -5.27 -0.33 -27.02
C ASP A 14 -6.39 0.24 -26.17
N GLN A 15 -7.42 -0.54 -25.87
CA GLN A 15 -8.40 -0.17 -24.86
C GLN A 15 -7.70 -0.01 -23.49
N LEU A 16 -6.93 -1.02 -23.10
CA LEU A 16 -6.20 -0.97 -21.83
C LEU A 16 -5.23 0.22 -21.77
N TYR A 17 -4.44 0.36 -22.82
CA TYR A 17 -3.51 1.47 -22.98
C TYR A 17 -4.21 2.81 -22.85
N SER A 18 -5.29 3.00 -23.60
CA SER A 18 -6.09 4.22 -23.50
C SER A 18 -6.53 4.52 -22.08
N THR A 19 -7.10 3.50 -21.42
CA THR A 19 -7.63 3.65 -20.06
C THR A 19 -6.53 4.02 -19.07
N LEU A 20 -5.39 3.34 -19.17
CA LEU A 20 -4.28 3.58 -18.27
C LEU A 20 -3.68 4.96 -18.47
N LYS A 21 -3.56 5.36 -19.73
CA LYS A 21 -3.02 6.68 -20.06
C LYS A 21 -3.89 7.80 -19.51
N SER A 22 -5.19 7.66 -19.69
CA SER A 22 -6.11 8.58 -19.07
C SER A 22 -5.90 8.64 -17.56
N ILE A 23 -5.94 7.48 -16.91
CA ILE A 23 -5.77 7.44 -15.46
C ILE A 23 -4.44 8.03 -15.01
N LEU A 24 -3.36 7.66 -15.65
CA LEU A 24 -2.04 8.23 -15.33
C LEU A 24 -1.98 9.74 -15.52
N GLN A 25 -2.57 10.27 -16.59
CA GLN A 25 -2.57 11.72 -16.80
CA GLN A 25 -2.59 11.72 -16.80
C GLN A 25 -3.34 12.45 -15.72
N GLN A 26 -4.49 11.90 -15.34
CA GLN A 26 -5.31 12.53 -14.32
C GLN A 26 -4.56 12.56 -13.00
N VAL A 27 -3.87 11.47 -12.68
CA VAL A 27 -3.08 11.40 -11.47
C VAL A 27 -1.94 12.46 -11.54
N LYS A 28 -1.23 12.52 -12.65
CA LYS A 28 -0.13 13.52 -12.82
C LYS A 28 -0.57 14.94 -12.77
N SER A 29 -1.79 15.24 -13.22
CA SER A 29 -2.33 16.62 -13.18
C SER A 29 -2.92 17.04 -11.85
N HIS A 30 -3.05 16.09 -10.92
CA HIS A 30 -3.66 16.34 -9.63
C HIS A 30 -2.73 17.25 -8.80
N GLN A 31 -3.28 18.16 -8.03
CA GLN A 31 -2.48 19.11 -7.26
C GLN A 31 -1.61 18.50 -6.14
N SER A 32 -1.90 17.25 -5.75
CA SER A 32 -1.10 16.50 -4.79
C SER A 32 -0.07 15.51 -5.43
N ALA A 33 0.05 15.51 -6.74
CA ALA A 33 1.04 14.63 -7.41
C ALA A 33 2.48 15.14 -7.39
N TRP A 34 2.71 16.38 -7.00
CA TRP A 34 4.03 17.03 -7.22
C TRP A 34 5.19 16.30 -6.55
N PRO A 35 4.99 15.67 -5.37
CA PRO A 35 6.11 14.94 -4.76
C PRO A 35 6.57 13.70 -5.51
N PHE A 36 5.72 13.19 -6.41
CA PHE A 36 5.92 11.92 -7.05
C PHE A 36 6.30 12.01 -8.53
N MET A 37 6.56 13.22 -9.00
CA MET A 37 6.73 13.46 -10.42
C MET A 37 8.03 12.93 -10.99
N GLU A 38 9.08 12.78 -10.17
CA GLU A 38 10.38 12.25 -10.61
C GLU A 38 11.00 11.36 -9.55
N PRO A 39 12.02 10.53 -9.91
CA PRO A 39 12.71 9.73 -8.89
C PRO A 39 13.21 10.53 -7.69
N VAL A 40 13.04 9.95 -6.51
CA VAL A 40 13.63 10.50 -5.29
C VAL A 40 15.15 10.57 -5.47
N LYS A 41 15.76 11.70 -5.11
CA LYS A 41 17.22 11.81 -5.18
C LYS A 41 17.87 11.35 -3.87
N ARG A 42 18.97 10.61 -3.99
CA ARG A 42 19.74 10.18 -2.81
CA ARG A 42 19.74 10.18 -2.81
C ARG A 42 20.16 11.37 -1.96
N THR A 43 20.61 12.45 -2.63
CA THR A 43 21.06 13.64 -1.91
C THR A 43 19.96 14.27 -1.07
N GLU A 44 18.70 14.19 -1.52
CA GLU A 44 17.60 14.76 -0.77
C GLU A 44 16.98 13.77 0.19
N ALA A 45 17.35 12.50 0.15
CA ALA A 45 16.72 11.60 1.11
C ALA A 45 17.64 10.62 1.76
N PRO A 46 18.28 11.02 2.87
CA PRO A 46 19.29 10.14 3.48
C PRO A 46 18.69 8.76 3.83
N GLY A 47 19.36 7.70 3.42
CA GLY A 47 18.90 6.36 3.73
C GLY A 47 17.72 5.85 2.93
N TYR A 48 17.22 6.65 1.99
CA TYR A 48 16.08 6.24 1.20
C TYR A 48 16.31 4.90 0.51
N TYR A 49 17.37 4.82 -0.31
CA TYR A 49 17.64 3.64 -1.12
C TYR A 49 18.16 2.44 -0.32
N GLU A 50 18.44 2.64 0.97
CA GLU A 50 18.70 1.52 1.86
C GLU A 50 17.41 0.90 2.40
N VAL A 51 16.32 1.66 2.49
CA VAL A 51 15.07 1.15 3.05
C VAL A 51 14.03 0.80 1.94
N ILE A 52 13.99 1.58 0.87
CA ILE A 52 13.02 1.40 -0.18
C ILE A 52 13.68 0.57 -1.30
N ARG A 53 13.29 -0.69 -1.43
CA ARG A 53 13.91 -1.60 -2.39
C ARG A 53 13.43 -1.46 -3.83
N PHE A 54 12.19 -1.03 -3.99
CA PHE A 54 11.60 -0.86 -5.31
C PHE A 54 11.03 0.55 -5.44
N PRO A 55 11.93 1.53 -5.69
CA PRO A 55 11.50 2.91 -5.91
C PRO A 55 10.60 3.03 -7.15
N MET A 56 9.69 3.99 -7.14
CA MET A 56 8.81 4.22 -8.27
C MET A 56 8.35 5.67 -8.25
N ASP A 57 8.07 6.22 -9.44
CA ASP A 57 7.62 7.59 -9.59
C ASP A 57 6.83 7.69 -10.89
N LEU A 58 6.15 8.81 -11.04
CA LEU A 58 5.22 8.99 -12.13
C LEU A 58 5.89 9.22 -13.52
N LYS A 59 7.10 9.79 -13.54
CA LYS A 59 7.88 9.89 -14.77
C LYS A 59 8.25 8.49 -15.28
N THR A 60 8.76 7.64 -14.39
CA THR A 60 9.10 6.26 -14.72
C THR A 60 7.85 5.51 -15.17
N MET A 61 6.71 5.73 -14.49
CA MET A 61 5.48 5.06 -14.91
C MET A 61 5.03 5.50 -16.32
N SER A 62 5.15 6.79 -16.61
CA SER A 62 4.89 7.32 -17.97
C SER A 62 5.74 6.63 -19.04
N GLU A 63 7.01 6.42 -18.73
CA GLU A 63 7.93 5.75 -19.63
C GLU A 63 7.54 4.29 -19.85
N ARG A 64 7.29 3.59 -18.73
CA ARG A 64 6.79 2.23 -18.75
C ARG A 64 5.53 2.09 -19.59
N LEU A 65 4.60 3.00 -19.43
CA LEU A 65 3.37 3.01 -20.21
C LEU A 65 3.67 3.17 -21.72
N LYS A 66 4.45 4.20 -22.05
CA LYS A 66 4.88 4.44 -23.46
C LYS A 66 5.62 3.26 -24.04
N ASN A 67 6.43 2.62 -23.22
CA ASN A 67 7.15 1.40 -23.61
C ASN A 67 6.28 0.11 -23.65
N ARG A 68 4.97 0.22 -23.45
CA ARG A 68 4.06 -0.94 -23.55
C ARG A 68 4.39 -2.05 -22.51
N TYR A 69 4.83 -1.62 -21.34
CA TYR A 69 5.06 -2.51 -20.19
C TYR A 69 3.76 -2.95 -19.51
N TYR A 70 2.78 -2.04 -19.43
CA TYR A 70 1.56 -2.30 -18.66
C TYR A 70 0.55 -3.11 -19.49
N VAL A 71 0.87 -4.39 -19.71
CA VAL A 71 0.01 -5.32 -20.44
C VAL A 71 -1.17 -5.86 -19.59
N SER A 72 -1.18 -5.55 -18.29
CA SER A 72 -2.30 -5.87 -17.41
C SER A 72 -2.56 -4.74 -16.48
N LYS A 73 -3.78 -4.69 -15.98
CA LYS A 73 -4.11 -3.74 -14.95
C LYS A 73 -3.31 -4.00 -13.64
N LYS A 74 -3.10 -5.26 -13.30
CA LYS A 74 -2.31 -5.59 -12.11
C LYS A 74 -0.91 -4.96 -12.11
N LEU A 75 -0.24 -4.94 -13.24
CA LEU A 75 1.11 -4.34 -13.29
C LEU A 75 1.06 -2.82 -13.04
N PHE A 76 0.10 -2.15 -13.65
CA PHE A 76 -0.12 -0.72 -13.43
C PHE A 76 -0.44 -0.39 -11.96
N MET A 77 -1.39 -1.12 -11.40
CA MET A 77 -1.79 -0.96 -10.01
C MET A 77 -0.64 -1.15 -9.05
N ALA A 78 0.20 -2.17 -9.30
CA ALA A 78 1.31 -2.44 -8.41
C ALA A 78 2.29 -1.26 -8.35
N ASP A 79 2.58 -0.66 -9.52
CA ASP A 79 3.56 0.44 -9.59
C ASP A 79 3.00 1.66 -8.91
N LEU A 80 1.78 2.00 -9.22
CA LEU A 80 1.23 3.19 -8.62
C LEU A 80 1.00 3.03 -7.14
N GLN A 81 0.56 1.85 -6.71
CA GLN A 81 0.44 1.61 -5.30
C GLN A 81 1.80 1.76 -4.60
N ARG A 82 2.84 1.26 -5.24
CA ARG A 82 4.20 1.37 -4.71
C ARG A 82 4.68 2.81 -4.50
N VAL A 83 4.27 3.71 -5.37
CA VAL A 83 4.60 5.15 -5.20
C VAL A 83 4.09 5.64 -3.83
N PHE A 84 2.85 5.26 -3.52
CA PHE A 84 2.25 5.66 -2.22
C PHE A 84 2.83 4.97 -1.03
N THR A 85 3.02 3.65 -1.11
CA THR A 85 3.50 2.90 0.05
C THR A 85 4.97 3.23 0.35
N ASN A 86 5.79 3.48 -0.69
CA ASN A 86 7.18 3.90 -0.47
C ASN A 86 7.21 5.20 0.32
N CYS A 87 6.41 6.14 -0.13
CA CYS A 87 6.34 7.45 0.51
C CYS A 87 5.94 7.33 1.97
N LYS A 88 4.91 6.55 2.23
CA LYS A 88 4.37 6.43 3.58
C LYS A 88 5.31 5.69 4.51
N GLU A 89 6.07 4.70 3.99
CA GLU A 89 7.09 4.09 4.85
C GLU A 89 8.21 5.08 5.26
N TYR A 90 8.65 5.91 4.31
CA TYR A 90 9.85 6.73 4.49
C TYR A 90 9.58 7.99 5.30
N ASN A 91 8.46 8.65 5.02
CA ASN A 91 8.18 9.97 5.58
C ASN A 91 7.35 9.93 6.88
N PRO A 92 7.56 10.94 7.77
CA PRO A 92 6.73 11.04 8.98
C PRO A 92 5.25 11.23 8.64
N PRO A 93 4.35 10.68 9.49
CA PRO A 93 2.91 10.56 9.20
C PRO A 93 2.17 11.90 9.01
N GLU A 94 2.66 12.97 9.63
CA GLU A 94 2.05 14.28 9.44
C GLU A 94 2.87 15.16 8.50
N SER A 95 3.86 14.61 7.79
CA SER A 95 4.57 15.38 6.78
C SER A 95 3.67 15.65 5.58
N GLU A 96 3.98 16.72 4.84
CA GLU A 96 3.25 17.10 3.64
C GLU A 96 3.30 15.97 2.57
N TYR A 97 4.43 15.27 2.46
CA TYR A 97 4.54 14.20 1.49
C TYR A 97 3.57 13.05 1.82
N TYR A 98 3.50 12.69 3.11
CA TYR A 98 2.60 11.62 3.56
C TYR A 98 1.16 12.05 3.31
N LYS A 99 0.81 13.29 3.63
CA LYS A 99 -0.53 13.78 3.32
C LYS A 99 -0.88 13.72 1.82
N CYS A 100 0.03 14.17 0.95
CA CYS A 100 -0.16 14.07 -0.49
C CYS A 100 -0.37 12.65 -0.98
N ALA A 101 0.39 11.72 -0.44
CA ALA A 101 0.23 10.33 -0.82
C ALA A 101 -1.18 9.81 -0.56
N ASN A 102 -1.73 10.10 0.61
CA ASN A 102 -3.05 9.59 0.93
C ASN A 102 -4.18 10.24 0.16
N ILE A 103 -4.02 11.54 -0.12
CA ILE A 103 -4.96 12.26 -0.95
C ILE A 103 -4.90 11.66 -2.32
N LEU A 104 -3.70 11.53 -2.88
CA LEU A 104 -3.58 11.03 -4.25
C LEU A 104 -4.00 9.56 -4.36
N GLU A 105 -3.65 8.77 -3.36
CA GLU A 105 -4.15 7.38 -3.25
C GLU A 105 -5.70 7.29 -3.24
N LYS A 106 -6.39 8.15 -2.45
CA LYS A 106 -7.86 8.19 -2.51
C LYS A 106 -8.35 8.47 -3.93
N PHE A 107 -7.72 9.43 -4.59
CA PHE A 107 -8.06 9.80 -5.95
C PHE A 107 -7.84 8.62 -6.89
N PHE A 108 -6.69 7.98 -6.77
CA PHE A 108 -6.34 6.78 -7.58
C PHE A 108 -7.39 5.65 -7.45
N PHE A 109 -7.76 5.27 -6.21
CA PHE A 109 -8.76 4.20 -5.99
C PHE A 109 -10.11 4.58 -6.63
N SER A 110 -10.54 5.85 -6.53
CA SER A 110 -11.79 6.27 -7.17
CA SER A 110 -11.79 6.24 -7.18
C SER A 110 -11.69 6.09 -8.69
N LYS A 111 -10.58 6.53 -9.26
CA LYS A 111 -10.42 6.43 -10.72
C LYS A 111 -10.36 4.99 -11.24
N ILE A 112 -9.69 4.09 -10.52
CA ILE A 112 -9.63 2.69 -10.95
C ILE A 112 -11.02 2.03 -10.79
N LYS A 113 -11.78 2.43 -9.74
CA LYS A 113 -13.16 1.92 -9.56
C LYS A 113 -14.08 2.49 -10.64
N GLU A 114 -13.96 3.78 -10.88
CA GLU A 114 -14.67 4.49 -11.96
C GLU A 114 -14.47 3.78 -13.30
N ALA A 115 -13.21 3.45 -13.62
CA ALA A 115 -12.89 2.76 -14.88
C ALA A 115 -13.31 1.27 -14.95
N GLY A 116 -13.74 0.68 -13.84
CA GLY A 116 -14.03 -0.76 -13.80
C GLY A 116 -12.80 -1.66 -13.91
N LEU A 117 -11.66 -1.20 -13.40
CA LEU A 117 -10.44 -2.02 -13.30
C LEU A 117 -10.37 -3.01 -12.11
N ILE A 118 -11.05 -2.72 -10.99
CA ILE A 118 -11.23 -3.69 -9.87
C ILE A 118 -12.75 -3.91 -9.65
N ASP A 119 -13.13 -5.15 -9.39
CA ASP A 119 -14.54 -5.56 -9.28
C ASP A 119 -15.00 -5.47 -7.83
N ARG B 11 20.21 -14.48 18.67
CA ARG B 11 19.56 -15.19 17.53
C ARG B 11 19.08 -14.22 16.47
N ASP B 12 19.63 -14.29 15.25
CA ASP B 12 19.16 -13.48 14.11
C ASP B 12 17.70 -13.81 13.68
N PRO B 13 17.36 -15.13 13.53
CA PRO B 13 15.93 -15.55 13.39
C PRO B 13 14.99 -15.14 14.55
N ASP B 14 15.45 -15.30 15.78
CA ASP B 14 14.65 -14.96 16.97
C ASP B 14 14.61 -13.50 17.31
N GLN B 15 15.63 -12.75 16.90
CA GLN B 15 15.57 -11.30 16.93
C GLN B 15 14.42 -10.82 16.04
N LEU B 16 14.38 -11.28 14.80
CA LEU B 16 13.35 -10.88 13.85
C LEU B 16 11.95 -11.26 14.36
N TYR B 17 11.81 -12.49 14.80
CA TYR B 17 10.59 -13.00 15.43
C TYR B 17 10.12 -12.13 16.58
N SER B 18 11.03 -11.85 17.52
CA SER B 18 10.73 -10.99 18.65
C SER B 18 10.19 -9.66 18.21
N THR B 19 10.89 -9.05 17.27
CA THR B 19 10.56 -7.71 16.80
C THR B 19 9.20 -7.70 16.12
N LEU B 20 8.96 -8.67 15.24
CA LEU B 20 7.68 -8.75 14.52
C LEU B 20 6.51 -9.01 15.47
N LYS B 21 6.72 -9.88 16.47
CA LYS B 21 5.70 -10.16 17.46
C LYS B 21 5.32 -8.93 18.27
N SER B 22 6.32 -8.20 18.75
CA SER B 22 6.03 -6.93 19.35
C SER B 22 5.18 -6.04 18.42
N ILE B 23 5.68 -5.82 17.22
CA ILE B 23 5.03 -4.88 16.32
C ILE B 23 3.57 -5.34 16.01
N LEU B 24 3.41 -6.63 15.74
CA LEU B 24 2.06 -7.18 15.52
C LEU B 24 1.14 -6.98 16.71
N GLN B 25 1.63 -7.22 17.93
CA GLN B 25 0.81 -7.03 19.12
C GLN B 25 0.35 -5.58 19.33
N GLN B 26 1.26 -4.65 19.05
CA GLN B 26 0.96 -3.25 19.19
C GLN B 26 -0.11 -2.83 18.17
N VAL B 27 0.04 -3.30 16.96
CA VAL B 27 -0.95 -3.02 15.90
C VAL B 27 -2.33 -3.60 16.33
N LYS B 28 -2.32 -4.83 16.83
CA LYS B 28 -3.57 -5.45 17.31
C LYS B 28 -4.25 -4.73 18.44
N SER B 29 -3.47 -4.13 19.36
CA SER B 29 -4.03 -3.39 20.49
C SER B 29 -4.51 -2.00 20.21
N HIS B 30 -4.20 -1.50 19.02
CA HIS B 30 -4.55 -0.14 18.66
C HIS B 30 -6.11 0.00 18.52
N GLN B 31 -6.67 1.15 18.86
CA GLN B 31 -8.14 1.33 18.81
C GLN B 31 -8.76 1.31 17.40
N SER B 32 -7.95 1.50 16.36
CA SER B 32 -8.39 1.41 14.97
C SER B 32 -8.16 0.02 14.32
N ALA B 33 -7.67 -0.97 15.08
CA ALA B 33 -7.44 -2.31 14.53
C ALA B 33 -8.69 -3.17 14.44
N TRP B 34 -9.78 -2.76 15.08
CA TRP B 34 -10.95 -3.63 15.26
C TRP B 34 -11.51 -4.18 13.94
N PRO B 35 -11.47 -3.43 12.81
CA PRO B 35 -12.00 -3.99 11.56
C PRO B 35 -11.17 -5.13 10.96
N PHE B 36 -9.93 -5.28 11.43
CA PHE B 36 -8.96 -6.15 10.83
C PHE B 36 -8.57 -7.30 11.71
N MET B 37 -9.28 -7.49 12.81
CA MET B 37 -8.88 -8.48 13.80
C MET B 37 -9.04 -9.96 13.33
N GLU B 38 -10.05 -10.23 12.50
CA GLU B 38 -10.40 -11.60 12.08
C GLU B 38 -10.79 -11.53 10.63
N PRO B 39 -10.80 -12.69 9.91
CA PRO B 39 -11.31 -12.67 8.52
C PRO B 39 -12.66 -11.98 8.42
N VAL B 40 -12.80 -11.16 7.41
CA VAL B 40 -14.11 -10.54 7.13
C VAL B 40 -15.17 -11.68 7.03
N LYS B 41 -16.28 -11.53 7.73
CA LYS B 41 -17.38 -12.50 7.65
C LYS B 41 -18.25 -12.23 6.44
N ARG B 42 -18.73 -13.28 5.79
CA ARG B 42 -19.70 -13.11 4.70
C ARG B 42 -20.94 -12.32 5.15
N THR B 43 -21.45 -12.61 6.35
CA THR B 43 -22.63 -11.90 6.83
C THR B 43 -22.39 -10.39 6.99
N GLU B 44 -21.15 -9.98 7.28
CA GLU B 44 -20.74 -8.56 7.30
C GLU B 44 -20.56 -7.94 5.91
N ALA B 45 -20.26 -8.78 4.93
CA ALA B 45 -19.95 -8.33 3.59
C ALA B 45 -20.24 -9.44 2.54
N PRO B 46 -21.53 -9.76 2.27
CA PRO B 46 -21.85 -10.84 1.29
C PRO B 46 -21.12 -10.54 -0.05
N GLY B 47 -20.42 -11.52 -0.61
CA GLY B 47 -19.66 -11.26 -1.87
C GLY B 47 -18.31 -10.56 -1.77
N TYR B 48 -17.83 -10.31 -0.54
CA TYR B 48 -16.48 -9.91 -0.29
C TYR B 48 -15.46 -10.84 -0.95
N TYR B 49 -15.65 -12.12 -0.71
CA TYR B 49 -14.75 -13.17 -1.16
C TYR B 49 -14.87 -13.46 -2.65
N GLU B 50 -15.81 -12.83 -3.33
CA GLU B 50 -15.80 -12.81 -4.82
C GLU B 50 -15.03 -11.62 -5.39
N VAL B 51 -14.81 -10.58 -4.60
CA VAL B 51 -14.06 -9.40 -5.02
C VAL B 51 -12.60 -9.46 -4.58
N ILE B 52 -12.35 -9.85 -3.34
CA ILE B 52 -11.03 -9.81 -2.75
C ILE B 52 -10.41 -11.18 -2.88
N ARG B 53 -9.40 -11.29 -3.73
CA ARG B 53 -8.75 -12.56 -4.05
C ARG B 53 -7.71 -13.03 -3.05
N PHE B 54 -7.09 -12.10 -2.34
CA PHE B 54 -6.08 -12.43 -1.35
C PHE B 54 -6.46 -11.80 0.01
N PRO B 55 -7.47 -12.37 0.69
CA PRO B 55 -7.85 -11.89 2.00
C PRO B 55 -6.69 -12.00 3.01
N MET B 56 -6.67 -11.10 3.98
CA MET B 56 -5.67 -11.11 5.02
C MET B 56 -6.21 -10.33 6.20
N ASP B 57 -5.86 -10.78 7.39
CA ASP B 57 -6.33 -10.17 8.65
C ASP B 57 -5.30 -10.44 9.71
N LEU B 58 -5.46 -9.79 10.83
CA LEU B 58 -4.45 -9.83 11.89
C LEU B 58 -4.39 -11.20 12.63
N LYS B 59 -5.51 -11.91 12.74
CA LYS B 59 -5.50 -13.24 13.33
C LYS B 59 -4.66 -14.22 12.47
N THR B 60 -4.91 -14.20 11.18
CA THR B 60 -4.17 -14.98 10.23
C THR B 60 -2.69 -14.60 10.31
N MET B 61 -2.40 -13.30 10.42
CA MET B 61 -1.00 -12.88 10.57
C MET B 61 -0.34 -13.41 11.87
N SER B 62 -1.08 -13.38 12.97
CA SER B 62 -0.63 -13.99 14.24
C SER B 62 -0.29 -15.48 14.13
N GLU B 63 -1.10 -16.22 13.40
CA GLU B 63 -0.84 -17.64 13.17
C GLU B 63 0.38 -17.84 12.28
N ARG B 64 0.46 -17.08 11.19
CA ARG B 64 1.63 -17.08 10.31
C ARG B 64 2.92 -16.82 11.07
N LEU B 65 2.89 -15.81 11.94
CA LEU B 65 4.02 -15.51 12.81
C LEU B 65 4.39 -16.70 13.69
N LYS B 66 3.40 -17.23 14.41
CA LYS B 66 3.62 -18.45 15.22
C LYS B 66 4.14 -19.66 14.44
N ASN B 67 3.66 -19.81 13.22
CA ASN B 67 4.11 -20.86 12.31
C ASN B 67 5.48 -20.58 11.64
N ARG B 68 6.16 -19.51 12.05
CA ARG B 68 7.50 -19.18 11.54
C ARG B 68 7.54 -18.90 10.04
N TYR B 69 6.46 -18.32 9.53
CA TYR B 69 6.38 -17.90 8.13
C TYR B 69 7.19 -16.63 7.84
N TYR B 70 7.24 -15.71 8.79
CA TYR B 70 7.85 -14.40 8.52
C TYR B 70 9.37 -14.43 8.74
N VAL B 71 10.07 -15.08 7.81
CA VAL B 71 11.51 -15.17 7.82
C VAL B 71 12.21 -13.89 7.29
N SER B 72 11.44 -12.93 6.77
CA SER B 72 11.97 -11.63 6.35
C SER B 72 10.97 -10.52 6.67
N LYS B 73 11.49 -9.30 6.75
CA LYS B 73 10.66 -8.08 6.86
C LYS B 73 9.71 -7.99 5.68
N LYS B 74 10.21 -8.21 4.46
CA LYS B 74 9.36 -8.07 3.29
C LYS B 74 8.10 -8.93 3.32
N LEU B 75 8.17 -10.15 3.84
CA LEU B 75 6.96 -11.00 3.94
C LEU B 75 5.91 -10.44 4.94
N PHE B 76 6.39 -9.97 6.09
CA PHE B 76 5.53 -9.35 7.08
C PHE B 76 4.86 -8.09 6.52
N MET B 77 5.65 -7.24 5.90
CA MET B 77 5.15 -6.01 5.30
C MET B 77 4.08 -6.31 4.25
N ALA B 78 4.30 -7.35 3.43
CA ALA B 78 3.38 -7.65 2.33
C ALA B 78 1.98 -8.05 2.86
N ASP B 79 1.96 -8.82 3.95
CA ASP B 79 0.70 -9.26 4.55
C ASP B 79 -0.03 -8.11 5.22
N LEU B 80 0.69 -7.30 6.01
CA LEU B 80 0.03 -6.22 6.65
C LEU B 80 -0.40 -5.18 5.64
N GLN B 81 0.42 -4.92 4.63
CA GLN B 81 -0.03 -4.02 3.58
C GLN B 81 -1.28 -4.53 2.85
N ARG B 82 -1.36 -5.82 2.62
CA ARG B 82 -2.53 -6.45 2.00
C ARG B 82 -3.83 -6.23 2.81
N VAL B 83 -3.71 -6.20 4.13
CA VAL B 83 -4.87 -5.88 4.98
C VAL B 83 -5.42 -4.50 4.56
N PHE B 84 -4.52 -3.56 4.40
CA PHE B 84 -4.92 -2.17 4.08
C PHE B 84 -5.43 -2.01 2.67
N THR B 85 -4.77 -2.64 1.70
CA THR B 85 -5.14 -2.53 0.29
C THR B 85 -6.48 -3.27 0.00
N ASN B 86 -6.74 -4.39 0.66
CA ASN B 86 -8.08 -5.02 0.57
C ASN B 86 -9.20 -4.06 1.03
N CYS B 87 -8.97 -3.45 2.17
CA CYS B 87 -9.91 -2.58 2.76
C CYS B 87 -10.19 -1.38 1.84
N LYS B 88 -9.13 -0.80 1.29
CA LYS B 88 -9.27 0.35 0.40
C LYS B 88 -9.86 0.01 -0.98
N GLU B 89 -9.65 -1.20 -1.48
CA GLU B 89 -10.33 -1.68 -2.69
C GLU B 89 -11.83 -1.94 -2.49
N TYR B 90 -12.20 -2.45 -1.33
CA TYR B 90 -13.59 -2.84 -1.09
C TYR B 90 -14.47 -1.66 -0.70
N ASN B 91 -13.91 -0.76 0.13
CA ASN B 91 -14.67 0.31 0.78
C ASN B 91 -14.51 1.71 0.18
N PRO B 92 -15.61 2.51 0.19
CA PRO B 92 -15.48 3.92 -0.14
C PRO B 92 -14.51 4.71 0.81
N PRO B 93 -13.86 5.79 0.28
CA PRO B 93 -12.83 6.58 0.97
C PRO B 93 -13.26 7.25 2.27
N GLU B 94 -14.53 7.60 2.38
CA GLU B 94 -15.00 8.23 3.59
C GLU B 94 -15.68 7.22 4.53
N SER B 95 -15.63 5.92 4.25
CA SER B 95 -16.18 4.95 5.19
C SER B 95 -15.28 4.83 6.40
N GLU B 96 -15.87 4.42 7.52
CA GLU B 96 -15.13 4.20 8.74
C GLU B 96 -14.00 3.18 8.56
N TYR B 97 -14.23 2.14 7.79
CA TYR B 97 -13.23 1.09 7.61
C TYR B 97 -12.00 1.64 6.86
N TYR B 98 -12.24 2.50 5.84
CA TYR B 98 -11.18 3.12 5.11
C TYR B 98 -10.39 4.06 6.04
N LYS B 99 -11.08 4.88 6.83
CA LYS B 99 -10.41 5.72 7.79
C LYS B 99 -9.52 4.95 8.76
N CYS B 100 -10.05 3.85 9.34
CA CYS B 100 -9.28 3.02 10.26
C CYS B 100 -8.01 2.49 9.58
N ALA B 101 -8.12 2.06 8.35
CA ALA B 101 -6.96 1.52 7.64
C ALA B 101 -5.82 2.56 7.56
N ASN B 102 -6.14 3.81 7.25
CA ASN B 102 -5.08 4.83 7.10
C ASN B 102 -4.49 5.23 8.44
N ILE B 103 -5.32 5.26 9.48
CA ILE B 103 -4.85 5.57 10.83
C ILE B 103 -3.93 4.45 11.28
N LEU B 104 -4.40 3.22 11.15
CA LEU B 104 -3.57 2.09 11.57
C LEU B 104 -2.29 1.95 10.75
N GLU B 105 -2.38 2.22 9.44
CA GLU B 105 -1.18 2.22 8.58
C GLU B 105 -0.14 3.24 9.07
N LYS B 106 -0.55 4.46 9.40
CA LYS B 106 0.39 5.46 9.93
C LYS B 106 1.09 4.89 11.18
N PHE B 107 0.30 4.30 12.08
CA PHE B 107 0.83 3.74 13.32
C PHE B 107 1.84 2.61 13.02
N PHE B 108 1.45 1.70 12.14
CA PHE B 108 2.31 0.60 11.69
C PHE B 108 3.67 1.12 11.21
N PHE B 109 3.68 2.12 10.32
CA PHE B 109 4.96 2.61 9.80
C PHE B 109 5.86 3.24 10.89
N SER B 110 5.25 3.97 11.84
CA SER B 110 6.06 4.54 12.92
CA SER B 110 5.98 4.52 13.01
C SER B 110 6.69 3.39 13.71
N LYS B 111 5.94 2.32 13.95
CA LYS B 111 6.50 1.20 14.70
C LYS B 111 7.65 0.45 13.97
N ILE B 112 7.54 0.28 12.65
CA ILE B 112 8.62 -0.25 11.81
C ILE B 112 9.90 0.63 11.88
N LYS B 113 9.68 1.93 11.82
CA LYS B 113 10.79 2.88 11.90
C LYS B 113 11.42 2.89 13.27
N GLU B 114 10.56 2.91 14.28
CA GLU B 114 10.97 2.83 15.68
C GLU B 114 11.84 1.61 15.95
N ALA B 115 11.42 0.48 15.40
CA ALA B 115 12.19 -0.76 15.51
C ALA B 115 13.52 -0.81 14.71
N GLY B 116 13.75 0.14 13.81
CA GLY B 116 14.92 0.08 12.92
C GLY B 116 14.88 -1.12 11.99
N LEU B 117 13.67 -1.55 11.63
CA LEU B 117 13.51 -2.79 10.91
C LEU B 117 13.77 -2.58 9.41
N ILE B 118 14.68 -3.39 8.93
CA ILE B 118 15.32 -3.23 7.63
C ILE B 118 15.45 -4.59 6.89
N ASP B 119 15.44 -4.54 5.55
CA ASP B 119 15.77 -5.72 4.72
C ASP B 119 17.26 -5.79 4.54
C1 EDO C . 1.90 5.73 -28.46
O1 EDO C . 1.28 4.63 -29.14
C2 EDO C . 1.02 6.98 -28.56
O2 EDO C . 0.27 7.14 -27.35
C1 EDO D . 6.47 11.82 -18.90
O1 EDO D . 7.36 12.63 -18.13
C2 EDO D . 5.50 12.66 -19.71
O2 EDO D . 4.68 11.78 -20.48
C1 EDO E . 0.12 9.34 -19.49
O1 EDO E . -0.84 10.33 -19.87
C2 EDO E . 1.48 9.79 -19.97
O2 EDO E . 2.44 9.15 -19.14
CAA 5WX F . 10.09 15.43 -3.46
OAG 5WX F . 10.09 14.00 -3.29
CAJ 5WX F . 10.75 13.50 -2.18
CAL 5WX F . 10.21 12.40 -1.60
CAI 5WX F . 9.12 11.66 -1.85
NAB 5WX F . 8.21 11.79 -2.80
NAF 5WX F . 9.04 10.67 -0.97
OAH 5WX F . 10.01 10.76 -0.19
CAK 5WX F . 10.78 11.83 -0.54
CAE 5WX F . 11.91 12.33 0.01
CAC 5WX F . 12.52 13.46 -0.55
CAD 5WX F . 11.93 14.05 -1.67
C1 EDO G . -13.14 -18.22 4.24
O1 EDO G . -13.04 -17.73 2.90
C2 EDO G . -12.34 -17.32 5.16
O2 EDO G . -13.23 -16.45 5.88
C1 EDO H . -19.04 2.02 -4.76
O1 EDO H . -18.23 2.18 -3.59
C2 EDO H . -20.52 1.81 -4.41
O2 EDO H . -20.67 0.77 -3.43
C1 EDO I . -24.19 -6.89 9.77
O1 EDO I . -23.95 -8.16 9.15
C2 EDO I . -23.00 -6.53 10.67
O2 EDO I . -22.05 -5.77 9.93
CAA 5WX J . -15.22 -5.82 10.12
OAG 5WX J . -14.51 -5.57 8.87
CAJ 5WX J . -15.24 -5.40 7.72
CAL 5WX J . -14.54 -5.00 6.60
CAI 5WX J . -13.23 -4.73 6.40
NAB 5WX J . -12.22 -4.74 7.25
NAF 5WX J . -12.99 -4.38 5.16
OAH 5WX J . -14.26 -4.44 4.46
CAK 5WX J . -15.20 -4.85 5.42
CAE 5WX J . -16.52 -5.04 5.31
CAC 5WX J . -17.28 -5.43 6.43
CAD 5WX J . -16.64 -5.63 7.65
#